data_3IRI
#
_entry.id   3IRI
#
_cell.length_a   1
_cell.length_b   1
_cell.length_c   1
_cell.angle_alpha   90.0
_cell.angle_beta   90.0
_cell.angle_gamma   90.0
#
_symmetry.space_group_name_H-M   'P 1'
#